data_4W8E
#
_entry.id   4W8E
#
_cell.length_a   47.530
_cell.length_b   56.490
_cell.length_c   61.060
_cell.angle_alpha   90.00
_cell.angle_beta   111.41
_cell.angle_gamma   90.00
#
_symmetry.space_group_name_H-M   'P 1 21 1'
#
loop_
_entity.id
_entity.type
_entity.pdbx_description
1 polymer 'Serine/threonine-protein kinase 24 36 kDa subunit'
2 non-polymer 3-{4-[(2R)-2-(5-methyl-1,2,4-oxadiazol-3-yl)morpholin-4-yl]-7H-pyrrolo[2,3-d]pyrimidin-5-yl}benzonitrile
3 water water
#
_entity_poly.entity_id   1
_entity_poly.type   'polypeptide(L)'
_entity_poly.pdbx_seq_one_letter_code
;GLPGMQNLKADPEELFTKLEKIGKGSFGEVFKGIDNRTQKVVAIKIIDLEEAEDEIEDIQQEITVLSQCDSPYVTKYYGS
YLKDTKLWIIMEYLGGGSALDLLEPGPLDETQIATILREILKGLDYLHSEKKIHRDIKAANVLLSEHGEVKLADFGVAGQ
LTDTQIKRN(TPO)FVGTPFWMAPEVIKQSAYDSKADIWSLGITAIELARGEPPHSELHPMKVLFLIPKNNPPTLEGNYS
KPLKEFVEACLNKEPSFRPTAKELLKHKFILRNAKKTSYLTELIDRYKRWKAEQS
;
_entity_poly.pdbx_strand_id   A
#
# COMPACT_ATOMS: atom_id res chain seq x y z
N GLY A 1 23.37 -16.01 -11.96
CA GLY A 1 23.15 -14.70 -12.55
C GLY A 1 21.97 -13.94 -11.97
N LEU A 2 22.06 -12.59 -11.95
CA LEU A 2 21.00 -11.71 -11.44
C LEU A 2 20.57 -10.65 -12.49
N PRO A 3 19.38 -10.79 -13.12
CA PRO A 3 18.95 -9.80 -14.12
C PRO A 3 18.55 -8.46 -13.51
N GLY A 4 17.79 -8.50 -12.41
CA GLY A 4 17.31 -7.33 -11.70
C GLY A 4 18.32 -6.58 -10.86
N MET A 5 19.59 -7.05 -10.81
CA MET A 5 20.67 -6.42 -10.04
C MET A 5 21.71 -5.75 -10.95
N GLN A 6 21.33 -5.47 -12.20
CA GLN A 6 22.13 -4.83 -13.25
C GLN A 6 22.56 -3.42 -12.80
N ASN A 7 21.62 -2.65 -12.19
CA ASN A 7 21.83 -1.29 -11.73
C ASN A 7 22.21 -1.17 -10.22
N LEU A 8 22.60 -2.31 -9.57
CA LEU A 8 23.02 -2.31 -8.15
C LEU A 8 24.25 -1.45 -7.97
N LYS A 9 24.15 -0.45 -7.09
CA LYS A 9 25.25 0.49 -6.85
C LYS A 9 26.08 0.08 -5.62
N ALA A 10 27.12 0.85 -5.31
CA ALA A 10 28.01 0.58 -4.18
C ALA A 10 28.30 1.86 -3.36
N ASP A 11 28.84 1.66 -2.12
CA ASP A 11 29.28 2.69 -1.17
C ASP A 11 28.16 3.72 -0.90
N PRO A 12 27.05 3.33 -0.24
CA PRO A 12 25.95 4.29 -0.05
C PRO A 12 26.25 5.42 0.94
N GLU A 13 27.15 5.20 1.92
CA GLU A 13 27.51 6.22 2.91
C GLU A 13 28.33 7.37 2.28
N GLU A 14 28.68 7.24 0.97
CA GLU A 14 29.36 8.29 0.21
C GLU A 14 28.33 9.32 -0.33
N LEU A 15 27.04 8.92 -0.42
CA LEU A 15 26.00 9.79 -0.94
C LEU A 15 24.84 10.03 0.03
N PHE A 16 24.76 9.20 1.08
CA PHE A 16 23.67 9.27 2.04
C PHE A 16 24.19 9.20 3.48
N THR A 17 23.43 9.82 4.40
CA THR A 17 23.68 9.78 5.84
C THR A 17 22.50 8.99 6.43
N LYS A 18 22.78 7.92 7.19
CA LYS A 18 21.77 7.09 7.81
C LYS A 18 21.39 7.68 9.18
N LEU A 19 20.09 7.82 9.47
CA LEU A 19 19.61 8.33 10.76
C LEU A 19 18.79 7.25 11.51
N GLU A 20 17.79 7.63 12.33
CA GLU A 20 17.00 6.73 13.19
C GLU A 20 15.98 5.85 12.47
N LYS A 21 15.57 4.75 13.17
CA LYS A 21 14.55 3.82 12.70
C LYS A 21 13.21 4.53 12.77
N ILE A 22 12.41 4.37 11.72
CA ILE A 22 11.09 5.00 11.61
C ILE A 22 10.00 3.93 11.50
N GLY A 23 10.40 2.67 11.37
CA GLY A 23 9.47 1.56 11.27
C GLY A 23 9.99 0.32 10.59
N LYS A 24 9.07 -0.46 10.01
CA LYS A 24 9.36 -1.72 9.33
C LYS A 24 8.59 -1.81 8.01
N GLY A 25 9.25 -2.42 7.04
CA GLY A 25 8.69 -2.74 5.73
C GLY A 25 8.87 -4.21 5.48
N SER A 26 8.47 -4.68 4.29
CA SER A 26 8.65 -6.09 3.94
C SER A 26 10.14 -6.39 3.87
N PHE A 27 10.55 -7.48 4.55
CA PHE A 27 11.91 -8.06 4.61
C PHE A 27 12.97 -7.22 5.37
N GLY A 28 12.67 -5.94 5.67
CA GLY A 28 13.63 -5.12 6.40
C GLY A 28 13.06 -3.95 7.18
N GLU A 29 13.93 -3.33 7.99
CA GLU A 29 13.61 -2.15 8.80
C GLU A 29 13.82 -0.89 7.95
N VAL A 30 13.00 0.15 8.18
CA VAL A 30 13.12 1.43 7.47
C VAL A 30 13.70 2.49 8.39
N PHE A 31 14.73 3.23 7.91
CA PHE A 31 15.44 4.29 8.64
C PHE A 31 15.29 5.66 7.94
N LYS A 32 15.28 6.75 8.71
CA LYS A 32 15.29 8.08 8.10
C LYS A 32 16.74 8.32 7.60
N GLY A 33 16.89 9.14 6.57
CA GLY A 33 18.22 9.43 6.02
C GLY A 33 18.26 10.76 5.30
N ILE A 34 19.46 11.19 4.90
CA ILE A 34 19.67 12.45 4.17
C ILE A 34 20.48 12.22 2.88
N ASP A 35 20.02 12.80 1.76
CA ASP A 35 20.77 12.75 0.50
C ASP A 35 21.79 13.88 0.64
N ASN A 36 23.09 13.56 0.71
CA ASN A 36 24.10 14.59 0.95
C ASN A 36 24.28 15.56 -0.21
N ARG A 37 23.79 15.22 -1.40
CA ARG A 37 23.92 16.09 -2.56
C ARG A 37 22.87 17.21 -2.50
N THR A 38 21.62 16.86 -2.19
CA THR A 38 20.50 17.81 -2.19
C THR A 38 20.04 18.31 -0.81
N GLN A 39 20.41 17.59 0.26
CA GLN A 39 19.95 17.80 1.64
C GLN A 39 18.49 17.37 1.85
N LYS A 40 17.89 16.68 0.86
CA LYS A 40 16.53 16.19 1.03
C LYS A 40 16.54 14.94 1.91
N VAL A 41 15.48 14.76 2.71
CA VAL A 41 15.28 13.58 3.56
C VAL A 41 14.85 12.38 2.67
N VAL A 42 15.29 11.16 3.03
CA VAL A 42 14.94 9.93 2.33
C VAL A 42 14.58 8.88 3.38
N ALA A 43 13.95 7.78 2.95
CA ALA A 43 13.69 6.60 3.79
C ALA A 43 14.69 5.52 3.30
N ILE A 44 15.42 4.92 4.22
CA ILE A 44 16.44 3.91 3.89
C ILE A 44 16.05 2.57 4.48
N LYS A 45 15.54 1.65 3.62
CA LYS A 45 15.21 0.30 4.07
C LYS A 45 16.47 -0.58 4.03
N ILE A 46 16.81 -1.18 5.17
CA ILE A 46 17.96 -2.05 5.30
C ILE A 46 17.50 -3.51 5.40
N ILE A 47 18.01 -4.35 4.49
CA ILE A 47 17.72 -5.77 4.46
C ILE A 47 19.02 -6.51 4.72
N ASP A 48 19.10 -7.23 5.85
CA ASP A 48 20.28 -8.01 6.21
C ASP A 48 20.23 -9.29 5.40
N LEU A 49 21.14 -9.42 4.41
CA LEU A 49 21.20 -10.55 3.50
C LEU A 49 21.59 -11.87 4.17
N GLU A 50 22.35 -11.80 5.30
CA GLU A 50 22.77 -12.96 6.09
C GLU A 50 21.54 -13.66 6.71
N GLU A 51 20.65 -12.90 7.37
CA GLU A 51 19.43 -13.40 8.01
C GLU A 51 18.35 -13.84 7.01
N ALA A 52 18.37 -13.30 5.77
CA ALA A 52 17.42 -13.64 4.70
C ALA A 52 17.74 -15.02 4.12
N GLU A 53 16.70 -15.86 3.88
CA GLU A 53 16.93 -17.22 3.35
C GLU A 53 16.04 -17.57 2.15
N ASP A 54 14.72 -17.50 2.30
CA ASP A 54 13.76 -17.82 1.24
C ASP A 54 13.14 -16.54 0.68
N GLU A 55 13.24 -15.44 1.43
CA GLU A 55 12.75 -14.12 1.03
C GLU A 55 13.67 -13.43 0.01
N ILE A 56 14.93 -13.92 -0.15
CA ILE A 56 15.96 -13.41 -1.08
C ILE A 56 15.41 -13.23 -2.50
N GLU A 57 14.65 -14.24 -3.00
CA GLU A 57 14.01 -14.24 -4.31
C GLU A 57 13.00 -13.08 -4.44
N ASP A 58 12.24 -12.83 -3.34
CA ASP A 58 11.25 -11.76 -3.25
C ASP A 58 11.91 -10.38 -3.09
N ILE A 59 13.09 -10.33 -2.42
CA ILE A 59 13.87 -9.09 -2.22
C ILE A 59 14.37 -8.58 -3.58
N GLN A 60 14.82 -9.49 -4.44
CA GLN A 60 15.27 -9.20 -5.81
C GLN A 60 14.08 -8.63 -6.61
N GLN A 61 12.89 -9.22 -6.42
CA GLN A 61 11.63 -8.81 -7.04
C GLN A 61 11.20 -7.41 -6.55
N GLU A 62 11.28 -7.14 -5.22
CA GLU A 62 10.90 -5.84 -4.63
C GLU A 62 11.72 -4.69 -5.19
N ILE A 63 13.04 -4.89 -5.39
CA ILE A 63 13.97 -3.90 -5.96
C ILE A 63 13.52 -3.63 -7.40
N THR A 64 13.26 -4.71 -8.16
CA THR A 64 12.82 -4.70 -9.56
C THR A 64 11.49 -3.96 -9.72
N VAL A 65 10.47 -4.28 -8.90
CA VAL A 65 9.15 -3.65 -8.95
C VAL A 65 9.29 -2.14 -8.69
N LEU A 66 9.95 -1.75 -7.57
CA LEU A 66 10.18 -0.35 -7.19
C LEU A 66 10.97 0.42 -8.26
N SER A 67 11.97 -0.23 -8.91
CA SER A 67 12.78 0.39 -9.96
C SER A 67 12.02 0.61 -11.26
N GLN A 68 11.03 -0.26 -11.54
CA GLN A 68 10.22 -0.18 -12.76
C GLN A 68 9.00 0.76 -12.61
N CYS A 69 8.79 1.31 -11.39
CA CYS A 69 7.68 2.24 -11.12
C CYS A 69 8.16 3.67 -11.12
N ASP A 70 7.43 4.54 -11.82
CA ASP A 70 7.70 5.97 -11.85
C ASP A 70 6.37 6.70 -11.85
N SER A 71 5.80 6.92 -10.64
CA SER A 71 4.51 7.59 -10.50
C SER A 71 4.48 8.46 -9.25
N PRO A 72 3.75 9.60 -9.27
CA PRO A 72 3.62 10.41 -8.05
C PRO A 72 2.73 9.73 -7.00
N TYR A 73 2.03 8.62 -7.37
CA TYR A 73 1.13 7.91 -6.45
C TYR A 73 1.73 6.64 -5.86
N VAL A 74 3.02 6.37 -6.16
CA VAL A 74 3.76 5.22 -5.67
C VAL A 74 5.06 5.77 -5.08
N THR A 75 5.51 5.25 -3.90
CA THR A 75 6.75 5.69 -3.27
C THR A 75 7.91 5.52 -4.24
N LYS A 76 8.65 6.60 -4.48
CA LYS A 76 9.77 6.54 -5.43
C LYS A 76 10.93 5.76 -4.82
N TYR A 77 11.64 5.02 -5.66
CA TYR A 77 12.81 4.26 -5.25
C TYR A 77 13.98 4.93 -5.95
N TYR A 78 15.01 5.28 -5.19
CA TYR A 78 16.14 6.03 -5.73
C TYR A 78 17.38 5.17 -6.06
N GLY A 79 17.38 3.92 -5.63
CA GLY A 79 18.49 3.02 -5.91
C GLY A 79 18.74 2.06 -4.79
N SER A 80 19.35 0.93 -5.13
CA SER A 80 19.75 -0.12 -4.19
C SER A 80 21.25 -0.14 -4.18
N TYR A 81 21.79 -0.25 -2.97
CA TYR A 81 23.22 -0.24 -2.70
C TYR A 81 23.62 -1.45 -1.87
N LEU A 82 24.76 -2.04 -2.21
CA LEU A 82 25.29 -3.17 -1.46
C LEU A 82 26.40 -2.63 -0.57
N LYS A 83 26.28 -2.87 0.74
CA LYS A 83 27.29 -2.48 1.72
C LYS A 83 27.51 -3.69 2.64
N ASP A 84 28.56 -4.48 2.34
CA ASP A 84 28.92 -5.70 3.06
C ASP A 84 27.76 -6.71 3.00
N THR A 85 27.17 -7.08 4.14
CA THR A 85 26.05 -8.03 4.19
C THR A 85 24.70 -7.32 4.11
N LYS A 86 24.73 -5.97 4.14
CA LYS A 86 23.53 -5.14 4.13
C LYS A 86 23.22 -4.50 2.79
N LEU A 87 21.97 -4.60 2.40
CA LEU A 87 21.44 -4.01 1.19
C LEU A 87 20.64 -2.78 1.61
N TRP A 88 20.97 -1.60 1.05
CA TRP A 88 20.24 -0.37 1.33
C TRP A 88 19.32 -0.09 0.18
N ILE A 89 18.04 0.10 0.47
CA ILE A 89 17.01 0.44 -0.51
C ILE A 89 16.58 1.86 -0.15
N ILE A 90 17.01 2.83 -0.97
CA ILE A 90 16.75 4.26 -0.78
C ILE A 90 15.42 4.56 -1.40
N MET A 91 14.52 5.12 -0.56
CA MET A 91 13.16 5.41 -0.93
C MET A 91 12.75 6.84 -0.59
N GLU A 92 11.68 7.30 -1.24
CA GLU A 92 11.04 8.59 -1.01
C GLU A 92 10.55 8.62 0.45
N TYR A 93 10.89 9.68 1.17
CA TYR A 93 10.44 9.87 2.53
C TYR A 93 9.05 10.53 2.54
N LEU A 94 8.13 10.03 3.38
CA LEU A 94 6.78 10.59 3.47
C LEU A 94 6.49 10.77 4.95
N GLY A 95 6.52 12.03 5.38
CA GLY A 95 6.45 12.41 6.78
C GLY A 95 5.08 12.62 7.39
N GLY A 96 4.02 12.34 6.65
CA GLY A 96 2.66 12.54 7.17
C GLY A 96 2.05 11.38 7.92
N GLY A 97 2.69 10.21 7.90
CA GLY A 97 2.17 9.01 8.55
C GLY A 97 1.36 8.17 7.57
N SER A 98 0.97 6.98 7.99
CA SER A 98 0.16 6.13 7.10
C SER A 98 -1.33 6.47 7.33
N ALA A 99 -2.20 6.06 6.38
CA ALA A 99 -3.65 6.23 6.54
C ALA A 99 -4.12 5.51 7.80
N LEU A 100 -3.49 4.37 8.15
CA LEU A 100 -3.84 3.64 9.37
C LEU A 100 -3.53 4.50 10.59
N ASP A 101 -2.36 5.19 10.60
CA ASP A 101 -2.03 6.07 11.75
C ASP A 101 -3.03 7.19 11.86
N LEU A 102 -3.41 7.79 10.72
CA LEU A 102 -4.37 8.89 10.72
C LEU A 102 -5.76 8.51 11.22
N LEU A 103 -6.09 7.19 11.25
CA LEU A 103 -7.35 6.69 11.83
C LEU A 103 -7.29 6.57 13.38
N GLU A 104 -6.07 6.48 13.95
CA GLU A 104 -5.94 6.32 15.41
C GLU A 104 -6.72 7.34 16.25
N PRO A 105 -6.73 8.66 15.94
CA PRO A 105 -7.45 9.62 16.82
C PRO A 105 -8.97 9.60 16.79
N GLY A 106 -9.51 9.11 15.69
CA GLY A 106 -10.94 9.04 15.49
C GLY A 106 -11.34 8.80 14.05
N PRO A 107 -12.64 8.87 13.78
CA PRO A 107 -13.11 8.61 12.41
C PRO A 107 -12.79 9.72 11.43
N LEU A 108 -12.80 9.35 10.16
CA LEU A 108 -12.62 10.26 9.04
C LEU A 108 -14.01 10.70 8.56
N ASP A 109 -14.09 11.83 7.87
CA ASP A 109 -15.38 12.20 7.29
C ASP A 109 -15.33 11.69 5.84
N GLU A 110 -16.47 11.73 5.15
CA GLU A 110 -16.56 11.17 3.81
C GLU A 110 -15.75 11.93 2.79
N THR A 111 -15.49 13.24 2.99
CA THR A 111 -14.60 13.97 2.11
C THR A 111 -13.19 13.39 2.23
N GLN A 112 -12.73 13.14 3.46
CA GLN A 112 -11.36 12.58 3.66
C GLN A 112 -11.22 11.16 3.09
N ILE A 113 -12.22 10.29 3.32
CA ILE A 113 -12.29 8.91 2.78
C ILE A 113 -12.22 8.97 1.23
N ALA A 114 -13.04 9.85 0.60
CA ALA A 114 -13.07 9.94 -0.87
C ALA A 114 -11.77 10.44 -1.41
N THR A 115 -11.15 11.42 -0.72
CA THR A 115 -9.88 11.98 -1.18
C THR A 115 -8.79 10.90 -1.12
N ILE A 116 -8.69 10.18 -0.01
CA ILE A 116 -7.69 9.12 0.15
C ILE A 116 -7.92 8.03 -0.91
N LEU A 117 -9.16 7.59 -1.07
CA LEU A 117 -9.51 6.57 -2.06
C LEU A 117 -9.17 6.95 -3.48
N ARG A 118 -9.46 8.21 -3.87
CA ARG A 118 -9.15 8.69 -5.21
C ARG A 118 -7.64 8.56 -5.47
N GLU A 119 -6.79 8.96 -4.49
CA GLU A 119 -5.34 8.91 -4.71
C GLU A 119 -4.85 7.47 -4.78
N ILE A 120 -5.43 6.59 -3.95
CA ILE A 120 -5.10 5.16 -4.00
C ILE A 120 -5.46 4.60 -5.39
N LEU A 121 -6.65 4.98 -5.88
CA LEU A 121 -7.15 4.58 -7.19
C LEU A 121 -6.23 5.05 -8.33
N LYS A 122 -5.65 6.28 -8.22
CA LYS A 122 -4.73 6.74 -9.27
C LYS A 122 -3.47 5.86 -9.24
N GLY A 123 -2.99 5.49 -8.06
CA GLY A 123 -1.86 4.59 -7.89
C GLY A 123 -2.16 3.22 -8.44
N LEU A 124 -3.33 2.68 -8.13
CA LEU A 124 -3.77 1.40 -8.68
C LEU A 124 -3.89 1.41 -10.19
N ASP A 125 -4.46 2.47 -10.74
CA ASP A 125 -4.60 2.61 -12.17
C ASP A 125 -3.22 2.60 -12.81
N TYR A 126 -2.25 3.30 -12.18
CA TYR A 126 -0.88 3.32 -12.70
C TYR A 126 -0.30 1.88 -12.73
N LEU A 127 -0.31 1.20 -11.57
CA LEU A 127 0.23 -0.14 -11.39
C LEU A 127 -0.39 -1.16 -12.28
N HIS A 128 -1.74 -1.17 -12.35
CA HIS A 128 -2.47 -2.13 -13.16
C HIS A 128 -2.23 -1.93 -14.64
N SER A 129 -1.99 -0.68 -15.09
CA SER A 129 -1.69 -0.41 -16.51
C SER A 129 -0.27 -0.91 -16.87
N GLU A 130 0.61 -1.05 -15.86
CA GLU A 130 1.98 -1.55 -16.00
C GLU A 130 2.06 -3.06 -15.68
N LYS A 131 0.88 -3.73 -15.60
CA LYS A 131 0.70 -5.18 -15.35
C LYS A 131 1.22 -5.62 -13.96
N LYS A 132 1.20 -4.72 -12.98
CA LYS A 132 1.62 -5.03 -11.62
C LYS A 132 0.41 -5.11 -10.71
N ILE A 133 0.46 -6.01 -9.72
CA ILE A 133 -0.59 -6.16 -8.74
C ILE A 133 0.11 -5.84 -7.43
N HIS A 134 -0.48 -4.99 -6.57
CA HIS A 134 0.21 -4.63 -5.33
C HIS A 134 0.16 -5.80 -4.36
N ARG A 135 -1.07 -6.39 -4.22
CA ARG A 135 -1.39 -7.58 -3.42
C ARG A 135 -1.38 -7.34 -1.92
N ASP A 136 -1.06 -6.10 -1.45
CA ASP A 136 -1.13 -5.84 -0.01
C ASP A 136 -1.73 -4.47 0.24
N ILE A 137 -2.80 -4.16 -0.49
CA ILE A 137 -3.53 -2.89 -0.33
C ILE A 137 -4.28 -2.91 1.00
N LYS A 138 -3.96 -1.93 1.86
CA LYS A 138 -4.54 -1.74 3.19
C LYS A 138 -4.08 -0.37 3.69
N ALA A 139 -4.80 0.21 4.69
CA ALA A 139 -4.46 1.57 5.14
C ALA A 139 -3.01 1.74 5.61
N ALA A 140 -2.42 0.69 6.18
CA ALA A 140 -1.02 0.71 6.66
C ALA A 140 -0.02 0.93 5.52
N ASN A 141 -0.39 0.51 4.29
CA ASN A 141 0.47 0.65 3.09
C ASN A 141 0.12 1.89 2.26
N VAL A 142 -0.70 2.78 2.81
CA VAL A 142 -1.05 4.05 2.16
C VAL A 142 -0.38 5.14 3.01
N LEU A 143 0.63 5.78 2.42
CA LEU A 143 1.41 6.80 3.12
C LEU A 143 1.12 8.22 2.69
N LEU A 144 1.24 9.19 3.61
CA LEU A 144 1.02 10.57 3.24
C LEU A 144 2.29 11.41 3.41
N SER A 145 2.45 12.44 2.58
CA SER A 145 3.57 13.40 2.78
C SER A 145 3.09 14.36 3.87
N GLU A 146 3.97 15.27 4.34
CA GLU A 146 3.60 16.25 5.33
C GLU A 146 2.55 17.23 4.78
N HIS A 147 2.43 17.33 3.44
CA HIS A 147 1.46 18.23 2.80
C HIS A 147 0.16 17.53 2.35
N GLY A 148 -0.01 16.27 2.75
CA GLY A 148 -1.23 15.55 2.41
C GLY A 148 -1.22 14.77 1.10
N GLU A 149 -0.07 14.68 0.40
CA GLU A 149 0.03 13.85 -0.82
C GLU A 149 -0.09 12.38 -0.40
N VAL A 150 -0.83 11.57 -1.17
CA VAL A 150 -1.10 10.15 -0.81
C VAL A 150 -0.43 9.22 -1.81
N LYS A 151 0.33 8.23 -1.30
CA LYS A 151 1.09 7.31 -2.13
C LYS A 151 1.01 5.88 -1.59
N LEU A 152 1.13 4.92 -2.52
CA LEU A 152 1.17 3.52 -2.18
C LEU A 152 2.59 3.18 -1.81
N ALA A 153 2.73 2.33 -0.80
CA ALA A 153 4.03 1.84 -0.34
C ALA A 153 4.00 0.32 -0.14
N ASP A 154 5.20 -0.24 0.13
CA ASP A 154 5.43 -1.64 0.46
C ASP A 154 5.05 -2.58 -0.68
N PHE A 155 5.99 -2.74 -1.62
CA PHE A 155 5.91 -3.57 -2.83
C PHE A 155 6.61 -4.94 -2.66
N GLY A 156 6.69 -5.39 -1.41
CA GLY A 156 7.33 -6.64 -1.02
C GLY A 156 6.69 -7.91 -1.53
N VAL A 157 5.35 -7.91 -1.67
CA VAL A 157 4.64 -9.06 -2.20
C VAL A 157 4.01 -8.71 -3.54
N ALA A 158 4.46 -7.63 -4.19
CA ALA A 158 3.89 -7.20 -5.47
C ALA A 158 4.08 -8.27 -6.53
N GLY A 159 3.07 -8.41 -7.38
CA GLY A 159 3.09 -9.37 -8.48
C GLY A 159 3.27 -8.70 -9.82
N GLN A 160 3.81 -9.44 -10.78
CA GLN A 160 4.07 -8.96 -12.13
C GLN A 160 3.41 -9.89 -13.13
N LEU A 161 2.60 -9.32 -14.02
CA LEU A 161 1.97 -10.07 -15.10
C LEU A 161 2.83 -9.87 -16.32
N THR A 162 2.90 -10.91 -17.15
CA THR A 162 3.70 -10.89 -18.38
C THR A 162 2.85 -11.45 -19.51
N ASP A 163 3.43 -11.53 -20.72
CA ASP A 163 2.75 -12.08 -21.86
C ASP A 163 2.55 -13.59 -21.67
N THR A 164 3.51 -14.27 -20.98
CA THR A 164 3.44 -15.73 -20.71
C THR A 164 2.66 -16.04 -19.40
N GLN A 165 2.65 -15.09 -18.44
CA GLN A 165 1.93 -15.24 -17.18
C GLN A 165 0.82 -14.19 -17.10
N ILE A 166 -0.42 -14.57 -17.46
CA ILE A 166 -1.60 -13.65 -17.47
C ILE A 166 -2.28 -13.56 -16.09
N LYS A 167 -2.01 -14.54 -15.20
CA LYS A 167 -2.58 -14.58 -13.84
C LYS A 167 -1.54 -15.04 -12.82
N ARG A 168 -1.79 -14.77 -11.53
CA ARG A 168 -0.93 -15.23 -10.43
C ARG A 168 -1.75 -16.22 -9.59
N ASN A 169 -1.09 -17.02 -8.72
CA ASN A 169 -1.82 -17.95 -7.83
C ASN A 169 -1.27 -17.96 -6.38
N PHE A 171 -0.30 -17.36 -2.52
CA PHE A 171 -0.97 -17.02 -1.26
C PHE A 171 -0.13 -15.95 -0.56
N VAL A 172 -0.43 -14.68 -0.83
CA VAL A 172 0.24 -13.49 -0.27
C VAL A 172 -0.78 -12.42 0.03
N GLY A 173 -0.45 -11.59 1.01
CA GLY A 173 -1.28 -10.49 1.44
C GLY A 173 -1.50 -10.51 2.93
N THR A 174 -2.44 -9.68 3.39
CA THR A 174 -2.84 -9.64 4.79
C THR A 174 -4.23 -10.24 4.83
N PRO A 175 -4.41 -11.36 5.59
CA PRO A 175 -5.68 -12.10 5.53
C PRO A 175 -6.98 -11.27 5.49
N PHE A 176 -7.18 -10.31 6.40
CA PHE A 176 -8.43 -9.52 6.42
C PHE A 176 -8.74 -8.79 5.08
N TRP A 177 -7.71 -8.44 4.32
CA TRP A 177 -7.85 -7.68 3.06
C TRP A 177 -7.76 -8.55 1.81
N MET A 178 -7.42 -9.85 1.98
CA MET A 178 -7.25 -10.73 0.82
C MET A 178 -8.53 -11.02 0.05
N ALA A 179 -8.40 -11.08 -1.28
CA ALA A 179 -9.55 -11.44 -2.13
C ALA A 179 -9.88 -12.94 -1.96
N PRO A 180 -11.16 -13.38 -2.14
CA PRO A 180 -11.47 -14.82 -1.98
C PRO A 180 -10.62 -15.74 -2.87
N GLU A 181 -10.43 -15.36 -4.16
CA GLU A 181 -9.64 -16.15 -5.12
C GLU A 181 -8.14 -16.27 -4.73
N VAL A 182 -7.61 -15.28 -3.96
CA VAL A 182 -6.22 -15.28 -3.49
C VAL A 182 -6.07 -16.34 -2.38
N ILE A 183 -7.00 -16.33 -1.41
CA ILE A 183 -7.03 -17.31 -0.30
C ILE A 183 -7.16 -18.71 -0.89
N LYS A 184 -8.02 -18.86 -1.92
CA LYS A 184 -8.26 -20.15 -2.57
C LYS A 184 -7.08 -20.56 -3.44
N GLN A 185 -6.12 -19.61 -3.65
CA GLN A 185 -4.94 -19.79 -4.52
C GLN A 185 -5.35 -20.17 -5.94
N SER A 186 -6.50 -19.62 -6.41
CA SER A 186 -7.03 -19.78 -7.76
C SER A 186 -6.29 -18.75 -8.61
N ALA A 187 -6.45 -18.80 -9.94
CA ALA A 187 -5.81 -17.81 -10.83
C ALA A 187 -6.46 -16.43 -10.64
N TYR A 188 -5.66 -15.41 -10.32
CA TYR A 188 -6.16 -14.06 -10.07
C TYR A 188 -5.30 -13.03 -10.78
N ASP A 189 -5.79 -11.78 -10.84
CA ASP A 189 -5.09 -10.67 -11.46
C ASP A 189 -5.31 -9.35 -10.66
N SER A 190 -5.27 -8.19 -11.35
CA SER A 190 -5.40 -6.90 -10.68
C SER A 190 -6.72 -6.73 -9.95
N LYS A 191 -7.76 -7.50 -10.34
CA LYS A 191 -9.06 -7.44 -9.67
C LYS A 191 -8.93 -7.80 -8.20
N ALA A 192 -7.91 -8.62 -7.84
CA ALA A 192 -7.67 -8.91 -6.40
C ALA A 192 -7.38 -7.61 -5.62
N ASP A 193 -6.69 -6.59 -6.23
CA ASP A 193 -6.44 -5.29 -5.57
C ASP A 193 -7.73 -4.48 -5.43
N ILE A 194 -8.67 -4.63 -6.38
CA ILE A 194 -9.97 -3.93 -6.29
C ILE A 194 -10.77 -4.46 -5.07
N TRP A 195 -10.75 -5.80 -4.81
CA TRP A 195 -11.37 -6.36 -3.60
C TRP A 195 -10.67 -5.73 -2.38
N SER A 196 -9.32 -5.80 -2.33
CA SER A 196 -8.55 -5.19 -1.23
C SER A 196 -8.87 -3.73 -1.02
N LEU A 197 -9.11 -2.98 -2.13
CA LEU A 197 -9.48 -1.57 -2.04
C LEU A 197 -10.86 -1.42 -1.35
N GLY A 198 -11.80 -2.31 -1.69
CA GLY A 198 -13.13 -2.27 -1.07
C GLY A 198 -12.99 -2.50 0.42
N ILE A 199 -12.13 -3.47 0.83
CA ILE A 199 -11.93 -3.70 2.26
C ILE A 199 -11.29 -2.45 2.89
N THR A 200 -10.31 -1.85 2.21
CA THR A 200 -9.64 -0.60 2.64
C THR A 200 -10.69 0.53 2.82
N ALA A 201 -11.70 0.63 1.90
CA ALA A 201 -12.76 1.62 2.05
C ALA A 201 -13.52 1.37 3.34
N ILE A 202 -13.87 0.10 3.66
CA ILE A 202 -14.52 -0.21 4.94
C ILE A 202 -13.57 0.25 6.09
N GLU A 203 -12.29 -0.14 6.00
CA GLU A 203 -11.30 0.22 7.03
C GLU A 203 -11.22 1.76 7.19
N LEU A 204 -11.24 2.54 6.10
CA LEU A 204 -11.18 4.00 6.21
C LEU A 204 -12.46 4.56 6.84
N ALA A 205 -13.60 3.90 6.62
CA ALA A 205 -14.90 4.35 7.15
C ALA A 205 -15.20 3.94 8.59
N ARG A 206 -14.82 2.72 8.96
CA ARG A 206 -15.10 2.09 10.24
C ARG A 206 -13.91 2.03 11.16
N GLY A 207 -12.71 2.18 10.60
CA GLY A 207 -11.46 2.15 11.35
C GLY A 207 -10.76 0.80 11.36
N GLU A 208 -11.46 -0.26 10.94
CA GLU A 208 -10.95 -1.64 10.93
C GLU A 208 -11.65 -2.41 9.83
N PRO A 209 -10.97 -3.41 9.26
CA PRO A 209 -11.62 -4.22 8.22
C PRO A 209 -12.63 -5.19 8.82
N PRO A 210 -13.47 -5.85 7.98
CA PRO A 210 -14.40 -6.86 8.51
C PRO A 210 -13.61 -8.00 9.15
N HIS A 211 -14.16 -8.58 10.22
CA HIS A 211 -13.61 -9.74 10.96
C HIS A 211 -12.34 -9.40 11.76
N SER A 212 -12.08 -8.10 12.01
CA SER A 212 -10.84 -7.65 12.65
C SER A 212 -10.57 -8.23 14.07
N GLU A 213 -11.63 -8.67 14.77
CA GLU A 213 -11.50 -9.25 16.13
C GLU A 213 -11.25 -10.77 16.10
N LEU A 214 -11.22 -11.37 14.92
CA LEU A 214 -11.00 -12.80 14.78
C LEU A 214 -9.55 -13.13 14.49
N HIS A 215 -9.11 -14.37 14.86
CA HIS A 215 -7.75 -14.82 14.58
C HIS A 215 -7.65 -14.89 13.03
N PRO A 216 -6.53 -14.47 12.39
CA PRO A 216 -6.49 -14.48 10.91
C PRO A 216 -6.70 -15.84 10.25
N MET A 217 -6.47 -16.98 10.96
CA MET A 217 -6.69 -18.29 10.38
C MET A 217 -8.17 -18.55 10.15
N LYS A 218 -9.03 -17.96 11.00
CA LYS A 218 -10.48 -18.13 10.86
C LYS A 218 -11.00 -17.38 9.62
N VAL A 219 -10.40 -16.22 9.30
CA VAL A 219 -10.89 -15.46 8.13
C VAL A 219 -10.58 -16.20 6.83
N LEU A 220 -9.56 -17.10 6.86
CA LEU A 220 -9.19 -17.90 5.71
C LEU A 220 -10.30 -18.84 5.25
N PHE A 221 -11.28 -19.19 6.12
CA PHE A 221 -12.44 -19.95 5.65
C PHE A 221 -13.66 -19.05 5.51
N LEU A 222 -13.80 -18.05 6.39
CA LEU A 222 -14.95 -17.13 6.39
C LEU A 222 -15.06 -16.32 5.11
N ILE A 223 -13.92 -15.84 4.57
CA ILE A 223 -13.91 -14.97 3.38
C ILE A 223 -14.42 -15.74 2.13
N PRO A 224 -13.86 -16.91 1.72
CA PRO A 224 -14.42 -17.61 0.54
C PRO A 224 -15.86 -18.11 0.75
N LYS A 225 -16.23 -18.46 1.97
CA LYS A 225 -17.54 -19.00 2.31
C LYS A 225 -18.67 -17.97 2.43
N ASN A 226 -18.45 -16.91 3.22
CA ASN A 226 -19.48 -15.94 3.51
C ASN A 226 -19.85 -15.08 2.34
N ASN A 227 -21.01 -14.42 2.43
CA ASN A 227 -21.42 -13.42 1.47
C ASN A 227 -20.36 -12.29 1.63
N PRO A 228 -20.11 -11.48 0.60
CA PRO A 228 -19.08 -10.44 0.75
C PRO A 228 -19.49 -9.42 1.81
N PRO A 229 -18.51 -8.78 2.48
CA PRO A 229 -18.88 -7.72 3.42
C PRO A 229 -19.57 -6.56 2.72
N THR A 230 -20.35 -5.83 3.50
CA THR A 230 -21.00 -4.59 3.08
C THR A 230 -20.64 -3.53 4.14
N LEU A 231 -20.77 -2.26 3.77
CA LEU A 231 -20.48 -1.18 4.69
C LEU A 231 -21.78 -0.90 5.47
N GLU A 232 -21.76 -1.17 6.77
CA GLU A 232 -22.92 -1.00 7.64
C GLU A 232 -22.73 0.25 8.48
N GLY A 233 -23.81 0.98 8.69
CA GLY A 233 -23.79 2.22 9.45
C GLY A 233 -24.36 3.40 8.70
N ASN A 234 -24.26 4.56 9.29
CA ASN A 234 -24.87 5.75 8.70
C ASN A 234 -23.92 6.41 7.73
N TYR A 235 -23.78 5.81 6.57
CA TYR A 235 -22.86 6.36 5.55
C TYR A 235 -23.70 6.72 4.34
N SER A 236 -23.21 7.64 3.49
CA SER A 236 -23.93 8.01 2.26
C SER A 236 -24.14 6.80 1.33
N LYS A 237 -25.24 6.81 0.57
CA LYS A 237 -25.59 5.74 -0.36
C LYS A 237 -24.45 5.55 -1.39
N PRO A 238 -23.80 6.60 -1.97
CA PRO A 238 -22.69 6.32 -2.91
C PRO A 238 -21.50 5.59 -2.25
N LEU A 239 -21.20 5.87 -0.97
CA LEU A 239 -20.09 5.17 -0.34
C LEU A 239 -20.42 3.69 -0.16
N LYS A 240 -21.66 3.38 0.28
CA LYS A 240 -22.06 2.00 0.41
C LYS A 240 -22.01 1.27 -0.95
N GLU A 241 -22.44 1.96 -2.01
CA GLU A 241 -22.43 1.40 -3.37
C GLU A 241 -20.99 1.23 -3.88
N PHE A 242 -20.08 2.16 -3.50
CA PHE A 242 -18.67 2.05 -3.94
C PHE A 242 -18.08 0.74 -3.34
N VAL A 243 -18.28 0.54 -2.02
CA VAL A 243 -17.83 -0.67 -1.33
C VAL A 243 -18.45 -1.91 -2.00
N GLU A 244 -19.75 -1.89 -2.23
CA GLU A 244 -20.43 -3.02 -2.82
C GLU A 244 -19.87 -3.41 -4.20
N ALA A 245 -19.56 -2.42 -5.03
CA ALA A 245 -18.98 -2.62 -6.36
C ALA A 245 -17.65 -3.36 -6.25
N CYS A 246 -16.78 -2.95 -5.31
CA CYS A 246 -15.47 -3.57 -5.11
C CYS A 246 -15.62 -4.99 -4.59
N LEU A 247 -16.54 -5.18 -3.63
CA LEU A 247 -16.64 -6.47 -2.96
C LEU A 247 -17.61 -7.41 -3.63
N ASN A 248 -17.26 -7.84 -4.80
CA ASN A 248 -18.04 -8.82 -5.55
C ASN A 248 -17.19 -10.11 -5.54
N LYS A 249 -17.77 -11.24 -5.18
CA LYS A 249 -17.02 -12.50 -5.14
C LYS A 249 -16.51 -12.89 -6.54
N GLU A 250 -17.20 -12.44 -7.61
CA GLU A 250 -16.80 -12.75 -8.99
C GLU A 250 -15.87 -11.61 -9.41
N PRO A 251 -14.55 -11.91 -9.59
CA PRO A 251 -13.59 -10.81 -9.91
C PRO A 251 -13.92 -10.01 -11.17
N SER A 252 -14.44 -10.66 -12.24
CA SER A 252 -14.80 -9.97 -13.50
C SER A 252 -15.96 -8.97 -13.34
N PHE A 253 -16.74 -9.07 -12.24
CA PHE A 253 -17.82 -8.11 -12.01
C PHE A 253 -17.32 -6.87 -11.25
N ARG A 254 -16.08 -6.93 -10.68
CA ARG A 254 -15.49 -5.78 -9.95
C ARG A 254 -15.10 -4.75 -11.01
N PRO A 255 -15.33 -3.46 -10.80
CA PRO A 255 -14.86 -2.49 -11.80
C PRO A 255 -13.33 -2.29 -11.75
N THR A 256 -12.74 -1.68 -12.78
CA THR A 256 -11.30 -1.39 -12.74
C THR A 256 -11.09 -0.13 -11.91
N ALA A 257 -9.83 0.17 -11.57
CA ALA A 257 -9.45 1.38 -10.85
C ALA A 257 -9.85 2.60 -11.70
N LYS A 258 -9.65 2.52 -13.05
CA LYS A 258 -10.01 3.60 -13.97
C LYS A 258 -11.50 3.91 -13.86
N GLU A 259 -12.37 2.85 -13.83
CA GLU A 259 -13.83 3.04 -13.73
C GLU A 259 -14.21 3.63 -12.38
N LEU A 260 -13.57 3.17 -11.28
CA LEU A 260 -13.86 3.68 -9.93
C LEU A 260 -13.50 5.15 -9.73
N LEU A 261 -12.53 5.66 -10.51
CA LEU A 261 -12.19 7.09 -10.46
C LEU A 261 -13.35 7.96 -10.88
N LYS A 262 -14.35 7.38 -11.59
CA LYS A 262 -15.53 8.10 -12.06
C LYS A 262 -16.75 7.78 -11.23
N HIS A 263 -16.57 7.06 -10.13
CA HIS A 263 -17.68 6.67 -9.26
C HIS A 263 -18.27 7.91 -8.62
N LYS A 264 -19.60 7.93 -8.49
CA LYS A 264 -20.34 9.03 -7.88
C LYS A 264 -19.71 9.39 -6.51
N PHE A 265 -19.37 8.39 -5.69
CA PHE A 265 -18.75 8.68 -4.39
C PHE A 265 -17.47 9.55 -4.51
N ILE A 266 -16.56 9.18 -5.42
CA ILE A 266 -15.31 9.92 -5.61
C ILE A 266 -15.60 11.33 -6.18
N LEU A 267 -16.45 11.39 -7.21
CA LEU A 267 -16.78 12.66 -7.88
C LEU A 267 -17.43 13.65 -6.96
N ARG A 268 -18.42 13.20 -6.17
CA ARG A 268 -19.12 14.08 -5.25
C ARG A 268 -18.33 14.56 -4.05
N ASN A 269 -17.43 13.72 -3.54
CA ASN A 269 -16.81 13.99 -2.26
C ASN A 269 -15.33 14.26 -2.23
N ALA A 270 -14.53 13.80 -3.20
CA ALA A 270 -13.09 14.00 -3.10
C ALA A 270 -12.71 15.47 -3.29
N LYS A 271 -11.84 15.97 -2.43
CA LYS A 271 -11.39 17.36 -2.47
C LYS A 271 -9.86 17.40 -2.60
N LYS A 272 -9.25 18.59 -2.55
CA LYS A 272 -7.81 18.70 -2.66
C LYS A 272 -7.10 17.93 -1.55
N THR A 273 -5.95 17.30 -1.88
CA THR A 273 -5.16 16.53 -0.91
C THR A 273 -4.58 17.41 0.17
N SER A 274 -4.40 18.74 -0.10
CA SER A 274 -3.83 19.67 0.90
C SER A 274 -4.67 19.72 2.18
N TYR A 275 -5.99 19.51 2.05
CA TYR A 275 -6.94 19.48 3.17
C TYR A 275 -6.63 18.36 4.17
N LEU A 276 -5.91 17.32 3.72
CA LEU A 276 -5.51 16.18 4.55
C LEU A 276 -4.48 16.57 5.62
N THR A 277 -3.88 17.79 5.53
CA THR A 277 -2.96 18.25 6.59
C THR A 277 -3.68 18.33 7.94
N GLU A 278 -5.00 18.60 7.91
CA GLU A 278 -5.85 18.65 9.11
C GLU A 278 -5.82 17.28 9.85
N LEU A 279 -5.83 16.18 9.09
CA LEU A 279 -5.74 14.80 9.65
C LEU A 279 -4.35 14.50 10.18
N ILE A 280 -3.32 14.95 9.47
CA ILE A 280 -1.93 14.79 9.89
C ILE A 280 -1.75 15.57 11.25
N ASP A 281 -2.26 16.83 11.36
CA ASP A 281 -2.16 17.64 12.60
C ASP A 281 -2.95 16.98 13.74
N ARG A 282 -4.12 16.43 13.42
CA ARG A 282 -4.94 15.73 14.42
C ARG A 282 -4.11 14.58 14.97
N TYR A 283 -3.43 13.81 14.09
CA TYR A 283 -2.58 12.69 14.51
C TYR A 283 -1.42 13.18 15.42
N LYS A 284 -0.70 14.23 15.01
CA LYS A 284 0.40 14.77 15.82
C LYS A 284 -0.07 15.19 17.24
N ARG A 285 -1.21 15.86 17.32
CA ARG A 285 -1.79 16.37 18.57
C ARG A 285 -2.18 15.15 19.46
N TRP A 286 -2.79 14.15 18.82
CA TRP A 286 -3.20 12.93 19.48
C TRP A 286 -2.01 12.16 20.08
N LYS A 287 -0.98 11.95 19.28
CA LYS A 287 0.24 11.23 19.63
C LYS A 287 1.00 11.90 20.77
N ALA A 288 1.03 13.23 20.77
CA ALA A 288 1.71 14.01 21.80
C ALA A 288 0.97 13.88 23.15
N GLU A 289 -0.37 13.74 23.15
CA GLU A 289 -1.13 13.67 24.40
C GLU A 289 -1.30 12.25 24.96
N GLN A 290 -0.98 11.19 24.19
CA GLN A 290 -1.11 9.80 24.63
C GLN A 290 -0.15 9.42 25.74
N SER A 291 -0.66 8.67 26.74
CA SER A 291 0.07 8.19 27.91
C SER A 291 0.59 6.78 27.64
#